data_3VM7
#
_entry.id   3VM7
#
_cell.length_a   51.900
_cell.length_b   84.940
_cell.length_c   56.410
_cell.angle_alpha   90.00
_cell.angle_beta   105.61
_cell.angle_gamma   90.00
#
_symmetry.space_group_name_H-M   'P 1 21 1'
#
loop_
_entity.id
_entity.type
_entity.pdbx_description
1 polymer Alpha-amylase
2 non-polymer 'CALCIUM ION'
3 non-polymer 2-acetamido-2-deoxy-beta-D-glucopyranose
4 non-polymer alpha-D-glucopyranose
5 non-polymer 2-AMINO-2-HYDROXYMETHYL-PROPANE-1,3-DIOL
6 water water
#
_entity_poly.entity_id   1
_entity_poly.type   'polypeptide(L)'
_entity_poly.pdbx_seq_one_letter_code
;MVSTALFLLAAAAGSARFAKAATPDEWRSRSIYQVLTDRFARGDGSPDAPCDTGARKYCGGNYRGLISQLDYIQGMGFDS
VWISPITKQFEDDWNGAPYHGYWQTDLYALNEHFGTEEDLRALADELHARGMFLMVDVVINHNGWPGDAASIDYSQFNPF
NSSDYYHPPCEINYDDQTSVEQCWLYTGANALPDLKTEDPHVSQVHNDWIADLVSKYSIDGLRIDTTKHVDKPAIGSFND
AAGVYAVGEVYHGDPAYTCPYQDWVDGVLNFPVYYPLIDAFKSPSGTMWSLVDNINKVFQTCNDPRLLGTFSENHDIPRF
ASYTQDLALAKNVLAFTILFDGIPIVYAGQEQQYSGDSDPYNREALWLSGFNTDAPLYKHIAACNRIRSHAVSNDDAYIT
TPTDIKYSDDHTLALVKGAVTTVLTNAGANAGETTVTVEATGYASGEQVTDVLSCESIAASDGGRLSVTLNQGLPRVFFP
TDALAGSGLCEN
;
_entity_poly.pdbx_strand_id   A
#
# COMPACT_ATOMS: atom_id res chain seq x y z
N ALA A 22 -1.10 5.83 -16.61
CA ALA A 22 -2.24 6.64 -16.07
C ALA A 22 -1.74 7.78 -15.19
N THR A 23 -2.46 8.90 -15.25
CA THR A 23 -2.09 10.12 -14.57
C THR A 23 -2.37 10.04 -13.05
N PRO A 24 -1.81 10.98 -12.28
CA PRO A 24 -2.20 11.05 -10.87
C PRO A 24 -3.71 11.16 -10.71
N ASP A 25 -4.35 12.03 -11.50
CA ASP A 25 -5.80 12.25 -11.46
C ASP A 25 -6.58 10.93 -11.67
N GLU A 26 -6.16 10.11 -12.62
CA GLU A 26 -6.79 8.80 -12.87
C GLU A 26 -6.58 7.81 -11.70
N TRP A 27 -5.55 8.04 -10.87
CA TRP A 27 -5.22 7.14 -9.77
C TRP A 27 -6.02 7.47 -8.49
N ARG A 28 -6.63 8.65 -8.43
CA ARG A 28 -7.34 9.15 -7.25
C ARG A 28 -8.38 8.19 -6.66
N SER A 29 -9.22 7.60 -7.51
CA SER A 29 -10.31 6.74 -7.07
C SER A 29 -9.92 5.26 -6.95
N ARG A 30 -8.65 4.97 -7.21
CA ARG A 30 -8.17 3.61 -7.22
C ARG A 30 -8.00 3.03 -5.83
N SER A 31 -7.97 1.70 -5.71
CA SER A 31 -7.47 1.08 -4.50
C SER A 31 -6.67 -0.16 -4.84
N ILE A 32 -5.61 -0.34 -4.06
CA ILE A 32 -4.51 -1.21 -4.41
C ILE A 32 -4.41 -2.41 -3.48
N TYR A 33 -4.27 -3.57 -4.11
CA TYR A 33 -3.98 -4.77 -3.40
C TYR A 33 -2.51 -5.04 -3.68
N GLN A 34 -1.69 -5.04 -2.64
CA GLN A 34 -0.26 -5.32 -2.80
C GLN A 34 0.03 -6.81 -2.70
N VAL A 35 0.75 -7.34 -3.68
CA VAL A 35 1.18 -8.73 -3.59
C VAL A 35 2.69 -8.88 -3.65
N LEU A 36 3.19 -9.83 -2.88
CA LEU A 36 4.47 -10.44 -3.19
C LEU A 36 4.14 -11.50 -4.22
N THR A 37 4.61 -11.30 -5.45
CA THR A 37 4.31 -12.21 -6.54
C THR A 37 4.54 -13.69 -6.20
N ASP A 38 5.69 -13.96 -5.57
CA ASP A 38 6.08 -15.33 -5.21
C ASP A 38 5.13 -15.96 -4.20
N ARG A 39 4.41 -15.10 -3.47
CA ARG A 39 3.61 -15.52 -2.31
C ARG A 39 2.11 -15.36 -2.47
N PHE A 40 1.64 -14.97 -3.66
CA PHE A 40 0.21 -14.82 -3.84
C PHE A 40 -0.53 -16.05 -4.41
N ALA A 41 -0.16 -16.47 -5.62
CA ALA A 41 -0.86 -17.54 -6.31
C ALA A 41 -0.01 -18.22 -7.38
N ARG A 42 -0.14 -19.53 -7.50
CA ARG A 42 0.65 -20.31 -8.45
C ARG A 42 -0.13 -20.63 -9.72
N GLY A 43 0.57 -20.64 -10.86
CA GLY A 43 -0.05 -21.02 -12.14
C GLY A 43 -0.75 -22.37 -12.12
N ASP A 44 -0.15 -23.35 -11.45
CA ASP A 44 -0.77 -24.67 -11.30
C ASP A 44 -1.98 -24.75 -10.34
N GLY A 45 -2.42 -23.63 -9.77
CA GLY A 45 -3.64 -23.59 -8.95
C GLY A 45 -3.67 -24.28 -7.59
N SER A 46 -2.51 -24.73 -7.10
CA SER A 46 -2.38 -25.44 -5.83
C SER A 46 -2.69 -24.54 -4.62
N PRO A 47 -3.65 -24.93 -3.76
CA PRO A 47 -3.69 -24.16 -2.54
C PRO A 47 -2.91 -24.86 -1.43
N ASP A 48 -1.99 -25.77 -1.79
CA ASP A 48 -1.29 -26.49 -0.73
C ASP A 48 0.21 -26.72 -0.90
N ALA A 49 0.81 -26.22 -1.98
CA ALA A 49 2.26 -26.22 -2.06
C ALA A 49 2.80 -25.55 -0.79
N PRO A 50 3.80 -26.18 -0.15
CA PRO A 50 4.29 -25.61 1.10
C PRO A 50 5.01 -24.28 0.90
N CYS A 51 4.92 -23.41 1.88
CA CYS A 51 5.73 -22.21 1.87
C CYS A 51 6.22 -21.97 3.28
N ASP A 52 7.39 -22.54 3.55
CA ASP A 52 8.05 -22.39 4.84
C ASP A 52 8.78 -21.08 4.77
N THR A 53 8.15 -20.10 5.38
CA THR A 53 8.52 -18.72 5.29
C THR A 53 9.97 -18.49 5.81
N GLY A 54 10.35 -19.26 6.84
CA GLY A 54 11.69 -19.24 7.41
C GLY A 54 12.79 -19.74 6.49
N ALA A 55 12.43 -20.58 5.50
CA ALA A 55 13.42 -21.07 4.53
C ALA A 55 13.94 -19.99 3.56
N ARG A 56 13.11 -18.96 3.31
CA ARG A 56 13.48 -17.87 2.42
C ARG A 56 13.81 -18.36 0.99
N LYS A 57 12.98 -19.26 0.50
CA LYS A 57 13.15 -19.80 -0.84
C LYS A 57 11.99 -19.26 -1.69
N TYR A 58 12.09 -19.44 -3.00
CA TYR A 58 10.94 -19.21 -3.87
C TYR A 58 9.91 -20.26 -3.52
N CYS A 59 8.69 -19.80 -3.27
CA CYS A 59 7.57 -20.69 -2.99
C CYS A 59 6.78 -21.00 -4.27
N GLY A 60 7.01 -20.21 -5.33
CA GLY A 60 6.48 -20.54 -6.65
C GLY A 60 5.34 -19.71 -7.21
N GLY A 61 4.92 -18.67 -6.50
CA GLY A 61 3.87 -17.76 -6.99
C GLY A 61 4.30 -17.07 -8.28
N ASN A 62 3.36 -16.82 -9.18
CA ASN A 62 3.71 -16.24 -10.48
C ASN A 62 2.59 -15.44 -11.15
N TYR A 63 2.93 -14.82 -12.28
CA TYR A 63 1.98 -13.99 -13.02
C TYR A 63 0.72 -14.76 -13.45
N ARG A 64 0.90 -15.95 -14.01
CA ARG A 64 -0.23 -16.80 -14.40
C ARG A 64 -1.11 -17.20 -13.20
N GLY A 65 -0.49 -17.37 -12.04
CA GLY A 65 -1.20 -17.58 -10.77
C GLY A 65 -2.03 -16.36 -10.41
N LEU A 66 -1.41 -15.20 -10.44
CA LEU A 66 -2.09 -13.95 -10.13
C LEU A 66 -3.29 -13.76 -11.06
N ILE A 67 -3.05 -13.85 -12.37
CA ILE A 67 -4.14 -13.79 -13.34
C ILE A 67 -5.30 -14.70 -12.94
N SER A 68 -4.98 -15.94 -12.54
CA SER A 68 -5.99 -16.93 -12.22
C SER A 68 -6.84 -16.55 -11.00
N GLN A 69 -6.35 -15.65 -10.15
CA GLN A 69 -7.08 -15.30 -8.92
C GLN A 69 -7.50 -13.85 -8.83
N LEU A 70 -7.57 -13.21 -9.99
CA LEU A 70 -8.07 -11.84 -10.07
C LEU A 70 -9.54 -11.71 -9.62
N ASP A 71 -10.36 -12.76 -9.73
CA ASP A 71 -11.73 -12.69 -9.22
C ASP A 71 -11.73 -12.55 -7.71
N TYR A 72 -10.80 -13.26 -7.07
CA TYR A 72 -10.59 -13.10 -5.64
C TYR A 72 -10.25 -11.64 -5.31
N ILE A 73 -9.34 -11.04 -6.07
CA ILE A 73 -8.95 -9.65 -5.82
C ILE A 73 -10.10 -8.66 -6.07
N GLN A 74 -10.76 -8.80 -7.22
CA GLN A 74 -11.88 -7.93 -7.57
C GLN A 74 -13.06 -8.12 -6.61
N GLY A 75 -13.24 -9.34 -6.12
CA GLY A 75 -14.28 -9.62 -5.12
C GLY A 75 -14.20 -8.74 -3.88
N MET A 76 -13.00 -8.26 -3.56
CA MET A 76 -12.83 -7.33 -2.43
C MET A 76 -12.96 -5.87 -2.84
N GLY A 77 -13.17 -5.61 -4.13
CA GLY A 77 -13.35 -4.25 -4.60
C GLY A 77 -12.07 -3.51 -4.94
N PHE A 78 -10.93 -4.20 -4.91
CA PHE A 78 -9.67 -3.57 -5.35
C PHE A 78 -9.70 -3.45 -6.86
N ASP A 79 -9.08 -2.40 -7.39
CA ASP A 79 -9.04 -2.24 -8.84
C ASP A 79 -7.61 -2.04 -9.38
N SER A 80 -6.62 -2.23 -8.51
CA SER A 80 -5.23 -2.15 -8.90
C SER A 80 -4.41 -3.17 -8.15
N VAL A 81 -3.34 -3.62 -8.78
CA VAL A 81 -2.41 -4.50 -8.11
C VAL A 81 -0.99 -3.95 -8.23
N TRP A 82 -0.33 -3.92 -7.08
CA TRP A 82 1.08 -3.56 -7.01
C TRP A 82 1.85 -4.87 -6.83
N ILE A 83 2.68 -5.19 -7.81
CA ILE A 83 3.41 -6.45 -7.82
C ILE A 83 4.87 -6.22 -7.46
N SER A 84 5.56 -7.28 -7.04
CA SER A 84 6.99 -7.21 -6.75
C SER A 84 7.82 -6.65 -7.92
N PRO A 85 9.02 -6.12 -7.63
CA PRO A 85 9.89 -5.74 -8.75
C PRO A 85 10.08 -6.91 -9.72
N ILE A 86 10.21 -6.59 -11.01
CA ILE A 86 10.07 -7.58 -12.08
C ILE A 86 11.40 -7.99 -12.73
N THR A 87 12.46 -7.29 -12.35
CA THR A 87 13.75 -7.37 -12.99
C THR A 87 14.50 -8.62 -12.54
N LYS A 88 15.42 -9.08 -13.38
CA LYS A 88 16.22 -10.26 -13.11
C LYS A 88 17.04 -10.10 -11.85
N GLN A 89 17.03 -11.14 -11.02
CA GLN A 89 17.72 -11.12 -9.75
C GLN A 89 19.04 -11.90 -9.86
N PHE A 90 19.80 -11.96 -8.78
CA PHE A 90 20.91 -12.90 -8.76
C PHE A 90 20.46 -14.34 -8.58
N GLU A 91 21.37 -15.24 -8.91
CA GLU A 91 21.07 -16.67 -8.96
C GLU A 91 21.41 -17.42 -7.66
N ASP A 92 22.57 -17.12 -7.08
CA ASP A 92 23.06 -17.84 -5.90
C ASP A 92 22.24 -17.58 -4.62
N ASP A 93 21.44 -18.57 -4.18
CA ASP A 93 20.55 -18.41 -3.01
C ASP A 93 21.09 -18.84 -1.63
N TRP A 94 22.42 -18.95 -1.52
CA TRP A 94 23.06 -19.47 -0.31
C TRP A 94 22.68 -18.68 0.94
N ASN A 95 22.45 -17.38 0.77
CA ASN A 95 22.09 -16.49 1.86
C ASN A 95 20.63 -16.04 1.74
N GLY A 96 19.77 -16.91 1.20
CA GLY A 96 18.39 -16.54 0.93
C GLY A 96 18.18 -16.33 -0.56
N ALA A 97 17.00 -16.71 -1.04
CA ALA A 97 16.64 -16.48 -2.43
C ALA A 97 16.07 -15.07 -2.58
N PRO A 98 16.33 -14.39 -3.72
CA PRO A 98 15.77 -13.05 -4.01
C PRO A 98 14.31 -13.15 -4.46
N TYR A 99 13.46 -13.72 -3.60
CA TYR A 99 12.08 -14.05 -3.99
C TYR A 99 11.20 -12.80 -3.97
N HIS A 100 11.72 -11.75 -3.32
CA HIS A 100 11.01 -10.52 -3.09
C HIS A 100 11.32 -9.51 -4.18
N GLY A 101 12.32 -9.79 -5.01
CA GLY A 101 12.62 -8.93 -6.16
C GLY A 101 13.49 -7.69 -5.92
N TYR A 102 13.90 -7.47 -4.68
CA TYR A 102 14.64 -6.25 -4.36
C TYR A 102 16.18 -6.37 -4.49
N TRP A 103 16.65 -7.48 -5.06
CA TRP A 103 18.08 -7.75 -5.20
C TRP A 103 18.44 -7.97 -6.68
N GLN A 104 18.27 -6.93 -7.51
CA GLN A 104 18.37 -7.09 -8.97
C GLN A 104 19.81 -7.03 -9.43
N THR A 105 20.04 -7.61 -10.61
CA THR A 105 21.35 -7.57 -11.26
C THR A 105 21.23 -7.06 -12.69
N ASP A 106 20.04 -7.15 -13.28
CA ASP A 106 19.88 -6.81 -14.69
C ASP A 106 18.54 -6.12 -14.92
N LEU A 107 18.57 -4.81 -15.16
CA LEU A 107 17.38 -4.02 -15.45
C LEU A 107 16.70 -4.42 -16.75
N TYR A 108 17.47 -5.01 -17.68
CA TYR A 108 16.97 -5.26 -19.03
C TYR A 108 16.33 -6.63 -19.22
N ALA A 109 16.34 -7.43 -18.15
CA ALA A 109 15.79 -8.78 -18.21
C ALA A 109 14.79 -8.99 -17.07
N LEU A 110 13.94 -10.00 -17.22
CA LEU A 110 12.91 -10.32 -16.25
C LEU A 110 13.31 -11.44 -15.34
N ASN A 111 12.75 -11.42 -14.13
CA ASN A 111 12.89 -12.54 -13.23
C ASN A 111 11.91 -13.61 -13.71
N GLU A 112 12.45 -14.71 -14.20
CA GLU A 112 11.66 -15.77 -14.82
C GLU A 112 10.96 -16.70 -13.84
N HIS A 113 11.28 -16.57 -12.56
CA HIS A 113 10.47 -17.21 -11.51
C HIS A 113 9.04 -16.70 -11.54
N PHE A 114 8.86 -15.41 -11.84
CA PHE A 114 7.53 -14.81 -11.92
C PHE A 114 6.88 -15.01 -13.30
N GLY A 115 7.70 -15.02 -14.35
CA GLY A 115 7.25 -15.38 -15.71
C GLY A 115 8.10 -14.78 -16.82
N THR A 116 7.74 -15.09 -18.07
CA THR A 116 8.42 -14.54 -19.24
C THR A 116 7.77 -13.21 -19.60
N GLU A 117 8.27 -12.52 -20.63
CA GLU A 117 7.58 -11.29 -21.04
C GLU A 117 6.17 -11.54 -21.57
N GLU A 118 5.93 -12.72 -22.14
CA GLU A 118 4.59 -13.13 -22.51
C GLU A 118 3.65 -13.21 -21.29
N ASP A 119 4.13 -13.84 -20.21
CA ASP A 119 3.36 -13.95 -18.98
C ASP A 119 2.99 -12.59 -18.41
N LEU A 120 3.98 -11.70 -18.40
CA LEU A 120 3.78 -10.37 -17.82
C LEU A 120 2.85 -9.53 -18.71
N ARG A 121 3.09 -9.59 -20.01
CA ARG A 121 2.18 -8.99 -20.97
C ARG A 121 0.75 -9.55 -20.83
N ALA A 122 0.62 -10.85 -20.59
CA ALA A 122 -0.72 -11.41 -20.31
C ALA A 122 -1.36 -10.88 -19.01
N LEU A 123 -0.53 -10.59 -18.00
CA LEU A 123 -1.01 -9.98 -16.74
C LEU A 123 -1.58 -8.59 -16.99
N ALA A 124 -0.81 -7.76 -17.68
CA ALA A 124 -1.24 -6.40 -17.97
C ALA A 124 -2.54 -6.43 -18.78
N ASP A 125 -2.55 -7.23 -19.86
CA ASP A 125 -3.74 -7.37 -20.68
C ASP A 125 -4.97 -7.73 -19.84
N GLU A 126 -4.89 -8.82 -19.06
CA GLU A 126 -6.01 -9.24 -18.23
C GLU A 126 -6.42 -8.22 -17.16
N LEU A 127 -5.47 -7.56 -16.50
CA LEU A 127 -5.86 -6.47 -15.59
C LEU A 127 -6.65 -5.42 -16.36
N HIS A 128 -6.19 -5.09 -17.57
CA HIS A 128 -6.83 -4.03 -18.35
C HIS A 128 -8.18 -4.42 -18.91
N ALA A 129 -8.38 -5.71 -19.19
CA ALA A 129 -9.71 -6.23 -19.60
C ALA A 129 -10.75 -6.09 -18.50
N ARG A 130 -10.29 -6.09 -17.25
CA ARG A 130 -11.16 -5.93 -16.06
C ARG A 130 -11.24 -4.47 -15.62
N GLY A 131 -10.61 -3.56 -16.37
CA GLY A 131 -10.63 -2.14 -16.01
C GLY A 131 -9.73 -1.82 -14.83
N MET A 132 -8.78 -2.71 -14.58
CA MET A 132 -7.83 -2.56 -13.48
C MET A 132 -6.53 -1.92 -13.91
N PHE A 133 -5.72 -1.51 -12.91
CA PHE A 133 -4.44 -0.86 -13.12
C PHE A 133 -3.33 -1.78 -12.64
N LEU A 134 -2.20 -1.75 -13.34
CA LEU A 134 -1.01 -2.47 -12.91
C LEU A 134 -0.03 -1.46 -12.31
N MET A 135 0.37 -1.67 -11.08
CA MET A 135 1.43 -0.87 -10.47
C MET A 135 2.67 -1.72 -10.26
N VAL A 136 3.82 -1.23 -10.75
CA VAL A 136 5.07 -1.97 -10.62
C VAL A 136 6.03 -1.34 -9.60
N ASP A 137 6.58 -2.19 -8.74
CA ASP A 137 7.60 -1.80 -7.80
C ASP A 137 8.93 -1.68 -8.55
N VAL A 138 9.65 -0.56 -8.39
CA VAL A 138 10.92 -0.38 -9.07
C VAL A 138 12.01 0.11 -8.11
N VAL A 139 13.21 -0.44 -8.28
CA VAL A 139 14.37 -0.04 -7.48
C VAL A 139 15.37 0.64 -8.39
N ILE A 140 15.73 1.90 -8.07
CA ILE A 140 16.82 2.56 -8.75
C ILE A 140 17.97 2.87 -7.78
N ASN A 141 17.73 2.67 -6.49
CA ASN A 141 18.74 2.94 -5.46
C ASN A 141 19.93 2.00 -5.52
N HIS A 142 19.68 0.73 -5.86
CA HIS A 142 20.72 -0.30 -5.70
C HIS A 142 20.45 -1.56 -6.51
N ASN A 143 21.52 -2.32 -6.73
CA ASN A 143 21.42 -3.71 -7.13
C ASN A 143 21.71 -4.60 -5.90
N GLY A 144 21.53 -5.92 -6.05
CA GLY A 144 21.87 -6.89 -5.01
C GLY A 144 23.03 -7.79 -5.44
N TRP A 145 23.74 -8.33 -4.44
CA TRP A 145 24.88 -9.20 -4.65
C TRP A 145 24.90 -10.26 -3.55
N PRO A 146 25.05 -11.54 -3.92
CA PRO A 146 25.06 -12.56 -2.86
C PRO A 146 26.45 -12.71 -2.22
N GLY A 147 26.87 -11.70 -1.48
CA GLY A 147 28.19 -11.64 -0.86
C GLY A 147 28.36 -10.24 -0.32
N ASP A 148 29.48 -9.98 0.37
CA ASP A 148 29.68 -8.69 0.99
C ASP A 148 30.14 -7.62 -0.04
N ALA A 149 30.19 -6.37 0.39
CA ALA A 149 30.60 -5.27 -0.48
C ALA A 149 31.92 -5.57 -1.20
N ALA A 150 32.90 -6.13 -0.46
CA ALA A 150 34.24 -6.35 -1.00
C ALA A 150 34.32 -7.41 -2.10
N SER A 151 33.31 -8.30 -2.15
CA SER A 151 33.31 -9.45 -3.04
C SER A 151 32.64 -9.16 -4.39
N ILE A 152 32.09 -7.96 -4.55
CA ILE A 152 31.23 -7.66 -5.70
C ILE A 152 31.99 -7.58 -7.01
N ASP A 153 31.57 -8.37 -7.99
CA ASP A 153 32.10 -8.25 -9.35
C ASP A 153 31.13 -7.39 -10.14
N TYR A 154 31.45 -6.11 -10.27
CA TYR A 154 30.57 -5.13 -10.90
C TYR A 154 30.25 -5.43 -12.36
N SER A 155 31.15 -6.16 -13.03
CA SER A 155 30.97 -6.48 -14.44
C SER A 155 29.76 -7.38 -14.64
N GLN A 156 29.27 -7.98 -13.56
CA GLN A 156 28.12 -8.88 -13.66
C GLN A 156 26.78 -8.14 -13.71
N PHE A 157 26.78 -6.85 -13.40
CA PHE A 157 25.52 -6.11 -13.42
C PHE A 157 25.25 -5.60 -14.82
N ASN A 158 23.98 -5.43 -15.13
CA ASN A 158 23.61 -4.85 -16.41
C ASN A 158 22.48 -3.86 -16.20
N PRO A 159 22.60 -2.61 -16.70
CA PRO A 159 23.67 -2.06 -17.53
C PRO A 159 24.86 -1.47 -16.78
N PHE A 160 24.74 -1.29 -15.47
CA PHE A 160 25.76 -0.62 -14.65
C PHE A 160 26.85 -1.58 -14.20
N ASN A 161 27.71 -1.89 -15.16
CA ASN A 161 28.63 -2.99 -15.09
C ASN A 161 30.03 -2.55 -14.68
N SER A 162 30.11 -1.44 -13.97
CA SER A 162 31.38 -0.94 -13.45
C SER A 162 31.21 -0.31 -12.07
N SER A 163 32.21 -0.47 -11.21
CA SER A 163 32.23 0.19 -9.90
C SER A 163 32.07 1.71 -10.04
N ASP A 164 32.45 2.24 -11.21
CA ASP A 164 32.30 3.67 -11.55
C ASP A 164 30.89 4.21 -11.36
N TYR A 165 29.87 3.35 -11.46
CA TYR A 165 28.49 3.83 -11.34
C TYR A 165 27.94 3.79 -9.92
N TYR A 166 28.78 3.47 -8.94
CA TYR A 166 28.32 3.24 -7.58
C TYR A 166 29.11 4.08 -6.59
N HIS A 167 28.42 4.60 -5.56
CA HIS A 167 29.11 5.18 -4.41
C HIS A 167 30.02 4.14 -3.78
N PRO A 168 31.15 4.57 -3.16
CA PRO A 168 31.98 3.64 -2.40
C PRO A 168 31.23 3.04 -1.19
N PRO A 169 31.53 1.78 -0.83
CA PRO A 169 30.78 1.17 0.27
C PRO A 169 31.06 1.82 1.65
N CYS A 170 29.97 2.08 2.39
CA CYS A 170 29.94 2.58 3.78
C CYS A 170 28.54 2.28 4.30
N GLU A 171 28.42 2.11 5.62
CA GLU A 171 27.12 1.99 6.27
C GLU A 171 26.56 3.40 6.51
N ILE A 172 25.22 3.51 6.51
CA ILE A 172 24.56 4.80 6.65
C ILE A 172 24.65 5.37 8.07
N ASN A 173 25.02 6.64 8.16
CA ASN A 173 24.89 7.43 9.38
C ASN A 173 23.53 8.14 9.32
N TYR A 174 22.55 7.65 10.10
CA TYR A 174 21.18 8.13 10.02
C TYR A 174 20.95 9.55 10.54
N ASP A 175 22.00 10.19 11.05
CA ASP A 175 21.94 11.61 11.38
C ASP A 175 22.39 12.50 10.21
N ASP A 176 22.71 11.89 9.08
CA ASP A 176 23.21 12.63 7.94
C ASP A 176 22.47 12.25 6.65
N GLN A 177 21.68 13.19 6.15
CA GLN A 177 20.86 12.91 4.96
C GLN A 177 21.69 12.54 3.72
N THR A 178 22.84 13.19 3.56
CA THR A 178 23.69 12.80 2.42
C THR A 178 24.29 11.39 2.59
N SER A 179 24.52 10.98 3.83
CA SER A 179 24.86 9.58 4.09
C SER A 179 23.69 8.66 3.77
N VAL A 180 22.47 9.07 4.13
CA VAL A 180 21.27 8.28 3.83
C VAL A 180 21.17 8.04 2.31
N GLU A 181 21.55 9.06 1.55
CA GLU A 181 21.51 9.01 0.10
C GLU A 181 22.75 8.38 -0.55
N GLN A 182 23.91 8.46 0.09
CA GLN A 182 25.15 8.08 -0.61
C GLN A 182 25.88 6.85 -0.08
N CYS A 183 25.57 6.46 1.16
CA CYS A 183 26.08 5.22 1.69
C CYS A 183 25.14 4.04 1.33
N TRP A 184 25.56 2.83 1.63
CA TRP A 184 24.82 1.63 1.22
C TRP A 184 23.82 1.19 2.27
N LEU A 185 22.69 0.65 1.81
CA LEU A 185 21.74 0.08 2.76
C LEU A 185 22.34 -1.09 3.56
N TYR A 186 23.22 -1.86 2.93
CA TYR A 186 23.97 -2.92 3.59
C TYR A 186 25.28 -3.19 2.84
N THR A 187 26.35 -3.47 3.58
CA THR A 187 27.67 -3.77 3.00
C THR A 187 28.13 -5.19 3.28
N GLY A 188 27.47 -5.88 4.21
CA GLY A 188 27.71 -7.29 4.42
C GLY A 188 26.90 -8.07 3.40
N ALA A 189 26.99 -9.38 3.43
CA ALA A 189 26.18 -10.22 2.55
C ALA A 189 24.72 -10.24 3.03
N ASN A 190 23.74 -10.02 2.16
CA ASN A 190 23.92 -9.68 0.75
C ASN A 190 24.03 -8.17 0.58
N ALA A 191 25.03 -7.71 -0.14
CA ALA A 191 25.28 -6.28 -0.29
C ALA A 191 24.33 -5.58 -1.25
N LEU A 192 24.16 -4.29 -1.02
CA LEU A 192 23.23 -3.49 -1.79
C LEU A 192 24.00 -2.32 -2.40
N PRO A 193 24.84 -2.59 -3.43
CA PRO A 193 25.72 -1.57 -4.00
C PRO A 193 24.90 -0.36 -4.42
N ASP A 194 25.32 0.80 -3.96
CA ASP A 194 24.50 1.99 -4.08
C ASP A 194 24.83 2.77 -5.35
N LEU A 195 23.89 2.84 -6.28
CA LEU A 195 24.07 3.52 -7.54
C LEU A 195 24.27 5.04 -7.40
N LYS A 196 25.05 5.64 -8.30
CA LYS A 196 25.15 7.10 -8.33
C LYS A 196 23.92 7.63 -9.08
N THR A 197 22.76 7.66 -8.42
CA THR A 197 21.53 8.06 -9.10
C THR A 197 21.64 9.52 -9.58
N GLU A 198 22.46 10.30 -8.87
CA GLU A 198 22.72 11.70 -9.22
C GLU A 198 23.74 11.89 -10.34
N ASP A 199 24.40 10.80 -10.77
CA ASP A 199 25.32 10.90 -11.89
C ASP A 199 24.50 11.05 -13.16
N PRO A 200 24.86 12.01 -14.04
CA PRO A 200 24.08 12.23 -15.26
C PRO A 200 23.88 10.97 -16.13
N HIS A 201 24.89 10.14 -16.28
CA HIS A 201 24.75 8.95 -17.15
C HIS A 201 23.81 7.92 -16.53
N VAL A 202 23.99 7.65 -15.23
CA VAL A 202 23.10 6.73 -14.51
C VAL A 202 21.64 7.21 -14.55
N SER A 203 21.42 8.48 -14.24
CA SER A 203 20.10 9.09 -14.28
C SER A 203 19.47 8.94 -15.69
N GLN A 204 20.26 9.27 -16.72
CA GLN A 204 19.82 9.12 -18.11
C GLN A 204 19.35 7.70 -18.43
N VAL A 205 20.18 6.73 -18.09
CA VAL A 205 19.89 5.32 -18.32
C VAL A 205 18.66 4.85 -17.54
N HIS A 206 18.55 5.26 -16.27
CA HIS A 206 17.35 4.97 -15.44
C HIS A 206 16.10 5.56 -16.11
N ASN A 207 16.21 6.79 -16.58
CA ASN A 207 15.05 7.48 -17.16
C ASN A 207 14.62 6.87 -18.50
N ASP A 208 15.58 6.56 -19.37
CA ASP A 208 15.29 5.88 -20.65
C ASP A 208 14.73 4.48 -20.37
N TRP A 209 15.25 3.83 -19.34
CA TRP A 209 14.82 2.50 -18.97
C TRP A 209 13.34 2.46 -18.60
N ILE A 210 12.91 3.42 -17.79
CA ILE A 210 11.56 3.37 -17.22
C ILE A 210 10.55 3.85 -18.24
N ALA A 211 10.93 4.86 -19.03
CA ALA A 211 10.10 5.33 -20.15
C ALA A 211 9.79 4.15 -21.05
N ASP A 212 10.83 3.36 -21.36
CA ASP A 212 10.66 2.18 -22.17
C ASP A 212 9.86 1.07 -21.49
N LEU A 213 10.12 0.82 -20.20
CA LEU A 213 9.49 -0.30 -19.50
C LEU A 213 7.99 -0.07 -19.37
N VAL A 214 7.62 1.19 -19.11
CA VAL A 214 6.22 1.59 -18.98
C VAL A 214 5.45 1.39 -20.29
N SER A 215 6.02 1.78 -21.43
CA SER A 215 5.45 1.46 -22.75
C SER A 215 5.39 -0.03 -23.01
N LYS A 216 6.52 -0.69 -22.79
CA LYS A 216 6.64 -2.09 -23.13
C LYS A 216 5.55 -2.94 -22.47
N TYR A 217 5.28 -2.69 -21.19
CA TYR A 217 4.35 -3.55 -20.47
C TYR A 217 3.04 -2.87 -20.06
N SER A 218 2.76 -1.71 -20.65
CA SER A 218 1.54 -0.94 -20.37
C SER A 218 1.33 -0.75 -18.85
N ILE A 219 2.37 -0.28 -18.16
CA ILE A 219 2.35 -0.07 -16.70
C ILE A 219 1.48 1.16 -16.44
N ASP A 220 0.61 1.08 -15.43
CA ASP A 220 -0.26 2.21 -15.12
C ASP A 220 0.32 3.15 -14.08
N GLY A 221 1.08 2.60 -13.13
CA GLY A 221 1.71 3.40 -12.09
C GLY A 221 2.93 2.71 -11.53
N LEU A 222 3.74 3.46 -10.80
CA LEU A 222 4.89 2.84 -10.14
C LEU A 222 4.86 3.03 -8.66
N ARG A 223 5.55 2.14 -7.97
CA ARG A 223 5.85 2.31 -6.57
C ARG A 223 7.36 2.34 -6.52
N ILE A 224 7.94 3.46 -6.08
CA ILE A 224 9.40 3.59 -6.11
C ILE A 224 10.00 3.25 -4.76
N ASP A 225 10.77 2.16 -4.76
CA ASP A 225 11.45 1.66 -3.57
C ASP A 225 12.47 2.68 -3.06
N THR A 226 12.66 2.70 -1.75
CA THR A 226 13.82 3.33 -1.11
C THR A 226 14.05 4.75 -1.58
N THR A 227 12.95 5.51 -1.69
CA THR A 227 12.97 6.85 -2.28
C THR A 227 13.82 7.83 -1.46
N LYS A 228 13.76 7.74 -0.13
CA LYS A 228 14.59 8.62 0.72
C LYS A 228 16.10 8.40 0.56
N HIS A 229 16.49 7.26 0.00
CA HIS A 229 17.90 6.93 -0.23
C HIS A 229 18.40 7.37 -1.58
N VAL A 230 17.50 7.95 -2.37
CA VAL A 230 17.82 8.53 -3.68
C VAL A 230 17.75 10.06 -3.58
N ASP A 231 18.69 10.77 -4.19
CA ASP A 231 18.59 12.24 -4.26
C ASP A 231 17.27 12.66 -4.93
N LYS A 232 16.65 13.72 -4.41
CA LYS A 232 15.35 14.22 -4.90
C LYS A 232 15.27 14.58 -6.40
N PRO A 233 16.27 15.33 -6.93
CA PRO A 233 16.22 15.59 -8.39
C PRO A 233 16.18 14.31 -9.26
N ALA A 234 16.94 13.29 -8.88
CA ALA A 234 16.90 12.03 -9.63
C ALA A 234 15.52 11.38 -9.56
N ILE A 235 14.87 11.51 -8.41
CA ILE A 235 13.50 11.00 -8.26
C ILE A 235 12.56 11.75 -9.21
N GLY A 236 12.70 13.07 -9.24
CA GLY A 236 11.85 13.93 -10.06
C GLY A 236 11.93 13.59 -11.53
N SER A 237 13.13 13.50 -12.06
CA SER A 237 13.28 13.25 -13.49
C SER A 237 12.91 11.80 -13.82
N PHE A 238 13.05 10.91 -12.85
CA PHE A 238 12.62 9.52 -13.05
C PHE A 238 11.09 9.43 -13.16
N ASN A 239 10.38 10.11 -12.26
CA ASN A 239 8.90 10.14 -12.28
C ASN A 239 8.38 10.80 -13.58
N ASP A 240 9.04 11.88 -14.00
CA ASP A 240 8.74 12.56 -15.28
C ASP A 240 8.90 11.66 -16.49
N ALA A 241 9.98 10.90 -16.49
CA ALA A 241 10.36 10.03 -17.60
C ALA A 241 9.39 8.87 -17.70
N ALA A 242 8.97 8.38 -16.54
CA ALA A 242 7.98 7.29 -16.49
C ALA A 242 6.66 7.71 -17.11
N GLY A 243 6.27 8.97 -16.92
CA GLY A 243 5.07 9.51 -17.59
C GLY A 243 3.79 8.94 -17.00
N VAL A 244 3.90 8.41 -15.79
CA VAL A 244 2.76 7.87 -15.05
C VAL A 244 2.90 8.25 -13.58
N TYR A 245 1.80 8.15 -12.84
CA TYR A 245 1.78 8.34 -11.38
C TYR A 245 2.77 7.43 -10.70
N ALA A 246 3.58 8.00 -9.82
CA ALA A 246 4.47 7.19 -9.00
C ALA A 246 4.20 7.50 -7.54
N VAL A 247 4.18 6.46 -6.71
CA VAL A 247 4.15 6.65 -5.27
C VAL A 247 5.49 6.25 -4.68
N GLY A 248 6.12 7.16 -3.95
CA GLY A 248 7.43 6.90 -3.35
C GLY A 248 7.33 6.24 -1.99
N GLU A 249 8.15 5.20 -1.79
CA GLU A 249 8.30 4.64 -0.47
C GLU A 249 9.33 5.48 0.26
N VAL A 250 8.84 6.44 1.04
CA VAL A 250 9.69 7.26 1.88
C VAL A 250 9.50 6.77 3.32
N TYR A 251 10.50 6.03 3.80
CA TYR A 251 10.34 5.30 5.04
C TYR A 251 10.66 6.20 6.24
N HIS A 252 9.70 7.03 6.62
CA HIS A 252 9.92 7.97 7.71
C HIS A 252 8.60 8.42 8.30
N GLY A 253 8.54 8.47 9.62
CA GLY A 253 7.30 8.80 10.32
C GLY A 253 6.99 10.27 10.53
N ASP A 254 7.94 11.14 10.20
CA ASP A 254 7.79 12.59 10.43
C ASP A 254 7.31 13.34 9.18
N PRO A 255 6.11 13.93 9.23
CA PRO A 255 5.62 14.67 8.06
C PRO A 255 6.61 15.73 7.57
N ALA A 256 7.35 16.38 8.48
CA ALA A 256 8.36 17.37 8.06
C ALA A 256 9.48 16.78 7.15
N TYR A 257 9.72 15.48 7.28
CA TYR A 257 10.68 14.77 6.42
C TYR A 257 10.05 14.18 5.13
N THR A 258 8.97 13.46 5.31
CA THR A 258 8.33 12.68 4.26
C THR A 258 7.54 13.54 3.29
N CYS A 259 6.72 14.44 3.82
CA CYS A 259 5.89 15.29 2.97
C CYS A 259 6.66 16.09 1.90
N PRO A 260 7.81 16.73 2.25
CA PRO A 260 8.49 17.47 1.16
C PRO A 260 8.86 16.65 -0.08
N TYR A 261 8.89 15.32 0.02
CA TYR A 261 9.14 14.43 -1.13
C TYR A 261 8.06 14.53 -2.21
N GLN A 262 6.86 14.96 -1.82
CA GLN A 262 5.79 15.08 -2.79
C GLN A 262 5.98 16.28 -3.75
N ASP A 263 7.01 17.09 -3.50
CA ASP A 263 7.45 18.08 -4.49
C ASP A 263 8.19 17.39 -5.63
N TRP A 264 8.58 16.13 -5.42
CA TRP A 264 9.37 15.36 -6.42
C TRP A 264 8.71 14.09 -6.99
N VAL A 265 7.91 13.36 -6.20
CA VAL A 265 7.11 12.20 -6.68
C VAL A 265 5.65 12.57 -6.56
N ASP A 266 4.80 12.00 -7.40
CA ASP A 266 3.37 12.35 -7.34
C ASP A 266 2.77 12.04 -5.97
N GLY A 267 3.12 10.90 -5.39
CA GLY A 267 2.71 10.57 -4.04
C GLY A 267 3.79 9.90 -3.21
N VAL A 268 3.56 9.82 -1.91
CA VAL A 268 4.40 9.00 -1.05
C VAL A 268 3.49 8.07 -0.23
N LEU A 269 4.04 6.96 0.24
CA LEU A 269 3.29 6.13 1.17
C LEU A 269 3.13 6.88 2.47
N ASN A 270 1.94 6.77 3.06
CA ASN A 270 1.64 7.56 4.25
C ASN A 270 2.17 6.97 5.56
N PHE A 271 3.49 6.91 5.67
CA PHE A 271 4.17 6.44 6.89
C PHE A 271 3.87 7.32 8.11
N PRO A 272 3.78 8.65 7.91
CA PRO A 272 3.47 9.52 9.05
C PRO A 272 2.12 9.21 9.71
N VAL A 273 1.11 8.85 8.91
CA VAL A 273 -0.17 8.41 9.45
C VAL A 273 -0.14 6.94 9.98
N TYR A 274 0.59 6.08 9.27
CA TYR A 274 0.77 4.67 9.67
C TYR A 274 1.13 4.47 11.15
N TYR A 275 2.19 5.11 11.61
CA TYR A 275 2.66 4.85 12.97
C TYR A 275 1.60 5.12 14.08
N PRO A 276 1.04 6.34 14.14
CA PRO A 276 -0.02 6.59 15.14
C PRO A 276 -1.32 5.83 14.88
N LEU A 277 -1.56 5.40 13.63
CA LEU A 277 -2.72 4.59 13.31
C LEU A 277 -2.65 3.25 14.04
N ILE A 278 -1.49 2.59 13.92
CA ILE A 278 -1.23 1.32 14.56
C ILE A 278 -1.21 1.47 16.08
N ASP A 279 -0.56 2.53 16.56
CA ASP A 279 -0.61 2.85 17.98
C ASP A 279 -2.05 3.03 18.48
N ALA A 280 -2.89 3.69 17.70
CA ALA A 280 -4.28 3.89 18.10
C ALA A 280 -5.07 2.57 18.18
N PHE A 281 -4.93 1.72 17.18
CA PHE A 281 -5.83 0.57 17.00
C PHE A 281 -5.29 -0.81 17.40
N LYS A 282 -4.03 -0.89 17.81
CA LYS A 282 -3.45 -2.17 18.21
C LYS A 282 -3.94 -2.65 19.58
N SER A 283 -4.56 -1.74 20.33
CA SER A 283 -4.96 -2.00 21.70
C SER A 283 -5.99 -0.97 22.14
N PRO A 284 -6.96 -1.36 23.00
CA PRO A 284 -7.85 -0.33 23.53
C PRO A 284 -7.17 0.69 24.48
N SER A 285 -5.91 0.41 24.85
CA SER A 285 -5.11 1.29 25.71
C SER A 285 -4.63 2.48 24.93
N GLY A 286 -4.62 2.35 23.60
CA GLY A 286 -4.15 3.43 22.74
C GLY A 286 -5.09 4.62 22.72
N THR A 287 -4.61 5.70 22.14
CA THR A 287 -5.32 6.96 22.12
C THR A 287 -5.30 7.49 20.67
N MET A 288 -6.30 8.28 20.28
CA MET A 288 -6.40 8.83 18.92
C MET A 288 -5.54 10.09 18.66
N TRP A 289 -5.02 10.70 19.70
CA TRP A 289 -4.47 12.06 19.60
C TRP A 289 -3.27 12.22 18.65
N SER A 290 -2.39 11.24 18.64
CA SER A 290 -1.22 11.30 17.76
C SER A 290 -1.62 11.05 16.29
N LEU A 291 -2.63 10.21 16.08
CA LEU A 291 -3.22 10.05 14.75
C LEU A 291 -3.83 11.38 14.26
N VAL A 292 -4.66 12.01 15.09
CA VAL A 292 -5.22 13.33 14.76
C VAL A 292 -4.11 14.34 14.41
N ASP A 293 -3.07 14.38 15.25
CA ASP A 293 -1.97 15.34 15.12
C ASP A 293 -1.22 15.12 13.81
N ASN A 294 -0.96 13.86 13.47
CA ASN A 294 -0.21 13.55 12.25
C ASN A 294 -1.03 13.77 11.00
N ILE A 295 -2.33 13.45 11.07
CA ILE A 295 -3.25 13.81 10.00
C ILE A 295 -3.20 15.32 9.75
N ASN A 296 -3.34 16.13 10.80
CA ASN A 296 -3.29 17.60 10.65
C ASN A 296 -1.98 18.05 9.99
N LYS A 297 -0.88 17.49 10.48
CA LYS A 297 0.47 17.81 10.05
C LYS A 297 0.71 17.44 8.60
N VAL A 298 0.26 16.26 8.19
CA VAL A 298 0.32 15.84 6.81
C VAL A 298 -0.49 16.80 5.92
N PHE A 299 -1.70 17.17 6.37
CA PHE A 299 -2.54 18.11 5.61
C PHE A 299 -1.92 19.50 5.50
N GLN A 300 -1.15 19.91 6.52
CA GLN A 300 -0.45 21.18 6.51
C GLN A 300 0.83 21.17 5.66
N THR A 301 1.38 19.98 5.39
CA THR A 301 2.75 19.85 4.86
C THR A 301 2.82 19.29 3.43
N CYS A 302 2.06 18.24 3.16
CA CYS A 302 2.00 17.60 1.85
C CYS A 302 1.17 18.40 0.81
N ASN A 303 1.66 18.50 -0.43
CA ASN A 303 0.91 19.22 -1.48
C ASN A 303 -0.49 18.67 -1.71
N ASP A 304 -0.64 17.35 -1.60
CA ASP A 304 -1.91 16.70 -1.90
C ASP A 304 -2.05 15.38 -1.16
N PRO A 305 -2.69 15.41 0.03
CA PRO A 305 -2.86 14.20 0.84
C PRO A 305 -3.67 13.12 0.14
N ARG A 306 -4.41 13.49 -0.91
CA ARG A 306 -5.29 12.53 -1.58
C ARG A 306 -4.59 11.74 -2.69
N LEU A 307 -3.31 12.04 -2.91
CA LEU A 307 -2.44 11.27 -3.81
C LEU A 307 -1.46 10.43 -3.02
N LEU A 308 -1.62 10.39 -1.70
CA LEU A 308 -0.78 9.54 -0.86
C LEU A 308 -1.35 8.11 -0.80
N GLY A 309 -0.46 7.13 -0.60
CA GLY A 309 -0.86 5.74 -0.40
C GLY A 309 -1.09 5.44 1.08
N THR A 310 -2.34 5.11 1.42
CA THR A 310 -2.74 4.79 2.79
C THR A 310 -2.59 3.28 3.03
N PHE A 311 -1.86 2.89 4.08
CA PHE A 311 -1.67 1.45 4.35
C PHE A 311 -1.63 1.18 5.84
N SER A 312 -1.95 -0.04 6.23
CA SER A 312 -1.74 -0.47 7.60
C SER A 312 -0.89 -1.73 7.72
N GLU A 313 -0.40 -2.23 6.58
CA GLU A 313 0.54 -3.38 6.52
C GLU A 313 1.42 -3.26 5.28
N ASN A 314 2.61 -3.85 5.37
CA ASN A 314 3.40 -4.16 4.18
C ASN A 314 4.38 -5.26 4.54
N HIS A 315 5.21 -5.67 3.58
CA HIS A 315 6.17 -6.78 3.72
C HIS A 315 7.36 -6.49 4.64
N ASP A 316 7.53 -5.23 5.04
CA ASP A 316 8.65 -4.82 5.88
C ASP A 316 8.32 -4.80 7.37
N ILE A 317 7.03 -4.76 7.71
CA ILE A 317 6.61 -4.41 9.07
C ILE A 317 5.69 -5.50 9.66
N PRO A 318 5.46 -5.49 10.99
CA PRO A 318 4.62 -6.59 11.54
C PRO A 318 3.20 -6.56 10.97
N ARG A 319 2.63 -7.73 10.68
CA ARG A 319 1.19 -7.82 10.35
C ARG A 319 0.35 -7.21 11.46
N PHE A 320 -0.78 -6.62 11.09
CA PHE A 320 -1.66 -6.05 12.09
C PHE A 320 -2.08 -7.11 13.12
N ALA A 321 -2.50 -8.28 12.62
CA ALA A 321 -2.94 -9.36 13.51
C ALA A 321 -1.83 -9.90 14.41
N SER A 322 -0.57 -9.47 14.20
CA SER A 322 0.52 -9.85 15.12
C SER A 322 0.49 -8.99 16.39
N TYR A 323 -0.12 -7.81 16.27
CA TYR A 323 -0.29 -6.94 17.43
C TYR A 323 -1.51 -7.35 18.26
N THR A 324 -2.58 -7.74 17.57
CA THR A 324 -3.84 -8.06 18.22
C THR A 324 -4.67 -9.05 17.38
N GLN A 325 -5.33 -9.97 18.07
CA GLN A 325 -6.24 -10.94 17.45
C GLN A 325 -7.65 -10.37 17.30
N ASP A 326 -7.88 -9.19 17.86
CA ASP A 326 -9.22 -8.60 17.97
C ASP A 326 -9.74 -8.23 16.59
N LEU A 327 -10.86 -8.84 16.20
CA LEU A 327 -11.44 -8.66 14.86
C LEU A 327 -11.99 -7.24 14.68
N ALA A 328 -12.57 -6.69 15.73
CA ALA A 328 -13.14 -5.36 15.64
C ALA A 328 -12.05 -4.30 15.46
N LEU A 329 -10.92 -4.48 16.13
CA LEU A 329 -9.77 -3.59 15.92
C LEU A 329 -9.27 -3.64 14.46
N ALA A 330 -9.16 -4.84 13.90
CA ALA A 330 -8.74 -4.98 12.49
C ALA A 330 -9.74 -4.34 11.55
N LYS A 331 -11.03 -4.41 11.90
CA LYS A 331 -12.07 -3.80 11.08
C LYS A 331 -11.98 -2.28 11.10
N ASN A 332 -11.67 -1.73 12.27
CA ASN A 332 -11.42 -0.31 12.38
C ASN A 332 -10.18 0.14 11.58
N VAL A 333 -9.04 -0.56 11.66
CA VAL A 333 -7.86 -0.12 10.85
C VAL A 333 -8.11 -0.21 9.36
N LEU A 334 -8.77 -1.27 8.93
CA LEU A 334 -9.14 -1.41 7.54
C LEU A 334 -10.13 -0.35 7.10
N ALA A 335 -11.17 -0.08 7.89
CA ALA A 335 -12.08 1.01 7.55
C ALA A 335 -11.29 2.28 7.31
N PHE A 336 -10.34 2.59 8.19
CA PHE A 336 -9.54 3.79 8.03
C PHE A 336 -8.74 3.68 6.76
N THR A 337 -8.07 2.54 6.60
CA THR A 337 -7.20 2.34 5.46
C THR A 337 -7.90 2.64 4.15
N ILE A 338 -9.11 2.12 4.00
CA ILE A 338 -9.86 2.26 2.75
C ILE A 338 -10.54 3.62 2.60
N LEU A 339 -11.06 4.15 3.71
CA LEU A 339 -12.03 5.23 3.62
C LEU A 339 -11.43 6.62 3.86
N PHE A 340 -10.22 6.64 4.43
CA PHE A 340 -9.51 7.89 4.62
C PHE A 340 -9.08 8.47 3.25
N ASP A 341 -8.76 9.77 3.22
CA ASP A 341 -8.15 10.42 2.05
C ASP A 341 -6.93 9.68 1.58
N GLY A 342 -6.83 9.49 0.27
CA GLY A 342 -5.67 8.85 -0.32
C GLY A 342 -6.07 7.64 -1.11
N ILE A 343 -5.09 6.83 -1.49
CA ILE A 343 -5.31 5.67 -2.32
C ILE A 343 -5.05 4.48 -1.43
N PRO A 344 -6.07 3.66 -1.21
CA PRO A 344 -5.92 2.62 -0.19
C PRO A 344 -4.99 1.53 -0.67
N ILE A 345 -4.21 0.97 0.24
CA ILE A 345 -3.35 -0.17 -0.09
C ILE A 345 -3.54 -1.25 0.96
N VAL A 346 -3.88 -2.45 0.53
CA VAL A 346 -3.98 -3.61 1.42
C VAL A 346 -2.92 -4.64 1.07
N TYR A 347 -2.19 -5.08 2.09
CA TYR A 347 -1.11 -6.02 1.86
C TYR A 347 -1.69 -7.44 1.85
N ALA A 348 -1.53 -8.16 0.74
CA ALA A 348 -2.06 -9.54 0.58
C ALA A 348 -1.85 -10.39 1.85
N GLY A 349 -2.94 -10.92 2.39
CA GLY A 349 -2.90 -11.67 3.64
C GLY A 349 -3.62 -10.94 4.77
N GLN A 350 -3.59 -9.62 4.72
CA GLN A 350 -4.26 -8.80 5.73
C GLN A 350 -5.71 -9.21 5.89
N GLU A 351 -6.38 -9.51 4.79
CA GLU A 351 -7.80 -9.88 4.78
C GLU A 351 -8.06 -11.29 5.34
N GLN A 352 -7.01 -12.08 5.50
CA GLN A 352 -7.11 -13.44 6.06
C GLN A 352 -6.52 -13.46 7.46
N GLN A 353 -6.25 -12.27 7.99
CA GLN A 353 -5.68 -12.10 9.34
C GLN A 353 -4.37 -12.88 9.53
N TYR A 354 -3.52 -12.85 8.51
CA TYR A 354 -2.17 -13.41 8.61
C TYR A 354 -1.45 -12.64 9.73
N SER A 355 -0.57 -13.32 10.48
CA SER A 355 -0.04 -12.70 11.70
C SER A 355 1.48 -12.66 11.85
N GLY A 356 2.22 -12.89 10.76
CA GLY A 356 3.69 -12.87 10.80
C GLY A 356 4.15 -11.55 11.41
N ASP A 357 5.02 -11.61 12.42
CA ASP A 357 5.38 -10.41 13.17
C ASP A 357 6.63 -9.74 12.63
N SER A 358 7.23 -10.32 11.60
CA SER A 358 8.42 -9.74 11.01
C SER A 358 8.72 -10.46 9.71
N ASP A 359 9.66 -9.89 8.95
CA ASP A 359 10.28 -10.54 7.80
C ASP A 359 11.22 -11.66 8.29
N PRO A 360 11.07 -12.89 7.77
CA PRO A 360 10.29 -13.36 6.62
C PRO A 360 8.90 -13.90 6.94
N TYR A 361 8.52 -13.90 8.23
CA TYR A 361 7.25 -14.49 8.67
C TYR A 361 6.02 -13.75 8.14
N ASN A 362 6.20 -12.49 7.75
CA ASN A 362 5.08 -11.70 7.22
C ASN A 362 4.92 -11.82 5.69
N ARG A 363 5.59 -12.81 5.10
CA ARG A 363 5.45 -13.10 3.67
C ARG A 363 4.79 -14.46 3.45
N GLU A 364 3.78 -14.76 4.26
CA GLU A 364 3.04 -16.02 4.13
C GLU A 364 2.41 -16.14 2.73
N ALA A 365 2.33 -17.36 2.22
CA ALA A 365 1.69 -17.60 0.93
C ALA A 365 0.19 -17.47 1.09
N LEU A 366 -0.43 -16.70 0.21
CA LEU A 366 -1.86 -16.43 0.29
C LEU A 366 -2.68 -17.68 -0.06
N TRP A 367 -2.15 -18.47 -1.00
CA TRP A 367 -2.86 -19.67 -1.48
C TRP A 367 -3.18 -20.67 -0.37
N LEU A 368 -2.38 -20.63 0.70
CA LEU A 368 -2.52 -21.50 1.87
C LEU A 368 -3.77 -21.21 2.70
N SER A 369 -4.35 -20.01 2.53
CA SER A 369 -5.64 -19.69 3.14
C SER A 369 -6.80 -20.20 2.28
N GLY A 370 -6.47 -20.76 1.11
CA GLY A 370 -7.48 -21.26 0.19
C GLY A 370 -8.30 -20.20 -0.54
N PHE A 371 -7.78 -18.97 -0.57
CA PHE A 371 -8.48 -17.85 -1.21
C PHE A 371 -9.90 -17.78 -0.68
N ASN A 372 -9.99 -17.77 0.65
CA ASN A 372 -11.24 -17.87 1.36
C ASN A 372 -11.98 -16.54 1.34
N THR A 373 -13.03 -16.50 0.51
CA THR A 373 -13.88 -15.33 0.38
C THR A 373 -14.92 -15.24 1.50
N ASP A 374 -14.93 -16.21 2.41
CA ASP A 374 -15.82 -16.12 3.57
C ASP A 374 -15.17 -15.48 4.78
N ALA A 375 -13.86 -15.21 4.70
CA ALA A 375 -13.17 -14.58 5.82
C ALA A 375 -13.87 -13.25 6.11
N PRO A 376 -14.06 -12.93 7.40
CA PRO A 376 -14.81 -11.73 7.75
C PRO A 376 -14.14 -10.45 7.24
N LEU A 377 -12.81 -10.39 7.22
CA LEU A 377 -12.13 -9.19 6.73
C LEU A 377 -12.15 -9.09 5.19
N TYR A 378 -12.30 -10.22 4.51
CA TYR A 378 -12.58 -10.21 3.07
C TYR A 378 -13.91 -9.47 2.82
N LYS A 379 -14.96 -9.89 3.53
CA LYS A 379 -16.29 -9.30 3.34
C LYS A 379 -16.31 -7.84 3.80
N HIS A 380 -15.57 -7.56 4.87
CA HIS A 380 -15.45 -6.20 5.40
C HIS A 380 -14.79 -5.23 4.41
N ILE A 381 -13.66 -5.64 3.85
CA ILE A 381 -12.97 -4.87 2.81
C ILE A 381 -13.88 -4.66 1.59
N ALA A 382 -14.59 -5.72 1.19
CA ALA A 382 -15.51 -5.62 0.07
C ALA A 382 -16.52 -4.49 0.29
N ALA A 383 -17.16 -4.45 1.46
CA ALA A 383 -18.13 -3.39 1.79
C ALA A 383 -17.53 -1.98 1.80
N CYS A 384 -16.34 -1.83 2.41
CA CYS A 384 -15.66 -0.53 2.48
C CYS A 384 -15.27 -0.01 1.09
N ASN A 385 -14.65 -0.89 0.29
CA ASN A 385 -14.30 -0.55 -1.08
C ASN A 385 -15.53 -0.21 -1.90
N ARG A 386 -16.62 -0.96 -1.69
CA ARG A 386 -17.82 -0.79 -2.48
C ARG A 386 -18.49 0.56 -2.21
N ILE A 387 -18.62 0.94 -0.94
CA ILE A 387 -19.20 2.25 -0.64
C ILE A 387 -18.29 3.41 -1.12
N ARG A 388 -16.98 3.24 -1.05
CA ARG A 388 -16.03 4.26 -1.52
C ARG A 388 -16.22 4.49 -3.02
N SER A 389 -16.21 3.39 -3.76
CA SER A 389 -16.41 3.41 -5.20
C SER A 389 -17.82 3.86 -5.61
N HIS A 390 -18.85 3.45 -4.87
CA HIS A 390 -20.19 3.97 -5.10
C HIS A 390 -20.25 5.49 -4.84
N ALA A 391 -19.51 5.95 -3.84
CA ALA A 391 -19.43 7.38 -3.54
C ALA A 391 -18.74 8.16 -4.66
N VAL A 392 -17.72 7.57 -5.28
CA VAL A 392 -17.05 8.16 -6.45
C VAL A 392 -18.05 8.31 -7.61
N SER A 393 -18.81 7.25 -7.83
CA SER A 393 -19.83 7.18 -8.87
C SER A 393 -20.94 8.22 -8.70
N ASN A 394 -21.31 8.46 -7.45
CA ASN A 394 -22.45 9.28 -7.06
C ASN A 394 -22.14 10.77 -7.17
N ASP A 395 -20.88 11.10 -6.96
CA ASP A 395 -20.46 12.49 -6.92
C ASP A 395 -19.02 12.59 -7.41
N ASP A 396 -18.88 13.25 -8.56
CA ASP A 396 -17.61 13.69 -9.14
C ASP A 396 -16.61 14.35 -8.21
N ALA A 397 -17.12 15.08 -7.22
CA ALA A 397 -16.29 15.85 -6.31
C ALA A 397 -15.91 15.08 -5.05
N TYR A 398 -16.51 13.92 -4.81
CA TYR A 398 -16.24 13.17 -3.59
C TYR A 398 -14.74 12.93 -3.40
N ILE A 399 -14.09 12.38 -4.43
CA ILE A 399 -12.71 11.90 -4.28
C ILE A 399 -11.73 13.02 -3.97
N THR A 400 -11.99 14.23 -4.48
CA THR A 400 -11.11 15.34 -4.23
C THR A 400 -11.55 16.17 -3.02
N THR A 401 -12.62 15.76 -2.35
CA THR A 401 -13.07 16.49 -1.16
C THR A 401 -12.24 16.04 0.03
N PRO A 402 -11.65 17.00 0.77
CA PRO A 402 -10.82 16.67 1.93
C PRO A 402 -11.64 16.01 3.03
N THR A 403 -11.09 14.97 3.65
CA THR A 403 -11.68 14.43 4.86
C THR A 403 -11.53 15.48 5.97
N ASP A 404 -12.61 15.76 6.72
CA ASP A 404 -12.47 16.51 7.98
C ASP A 404 -12.68 15.61 9.19
N ILE A 405 -11.93 15.85 10.24
CA ILE A 405 -12.18 15.16 11.50
C ILE A 405 -13.30 15.90 12.24
N LYS A 406 -14.51 15.34 12.22
CA LYS A 406 -15.66 16.00 12.82
C LYS A 406 -15.81 15.73 14.30
N TYR A 407 -15.18 14.65 14.77
CA TYR A 407 -15.21 14.29 16.17
C TYR A 407 -13.97 13.47 16.47
N SER A 408 -13.37 13.74 17.62
CA SER A 408 -12.36 12.87 18.21
C SER A 408 -12.40 12.94 19.74
N ASP A 409 -12.16 11.80 20.38
CA ASP A 409 -11.81 11.78 21.80
C ASP A 409 -10.74 10.72 21.96
N ASP A 410 -10.45 10.30 23.19
CA ASP A 410 -9.41 9.32 23.45
C ASP A 410 -9.53 8.10 22.56
N HIS A 411 -10.78 7.67 22.31
CA HIS A 411 -11.02 6.34 21.78
C HIS A 411 -11.90 6.29 20.53
N THR A 412 -12.25 7.45 19.99
CA THR A 412 -13.23 7.53 18.91
C THR A 412 -12.82 8.61 17.91
N LEU A 413 -13.06 8.35 16.63
CA LEU A 413 -12.74 9.28 15.55
C LEU A 413 -13.88 9.24 14.54
N ALA A 414 -14.40 10.41 14.15
CA ALA A 414 -15.39 10.47 13.08
C ALA A 414 -14.85 11.26 11.90
N LEU A 415 -14.80 10.61 10.74
CA LEU A 415 -14.27 11.19 9.53
C LEU A 415 -15.40 11.44 8.53
N VAL A 416 -15.48 12.66 8.04
CA VAL A 416 -16.50 13.01 7.05
C VAL A 416 -15.78 13.41 5.76
N LYS A 417 -16.13 12.72 4.67
CA LYS A 417 -15.57 12.99 3.35
C LYS A 417 -16.78 13.05 2.44
N GLY A 418 -17.15 14.26 2.02
CA GLY A 418 -18.41 14.43 1.30
C GLY A 418 -19.52 13.76 2.09
N ALA A 419 -20.29 12.91 1.42
CA ALA A 419 -21.43 12.27 2.07
C ALA A 419 -21.10 10.95 2.80
N VAL A 420 -19.82 10.60 2.93
CA VAL A 420 -19.43 9.38 3.65
C VAL A 420 -18.97 9.74 5.07
N THR A 421 -19.65 9.23 6.09
CA THR A 421 -19.21 9.45 7.46
C THR A 421 -18.69 8.16 8.04
N THR A 422 -17.41 8.15 8.39
CA THR A 422 -16.74 6.96 8.91
C THR A 422 -16.48 7.16 10.38
N VAL A 423 -17.02 6.25 11.20
CA VAL A 423 -16.92 6.40 12.64
C VAL A 423 -16.15 5.20 13.20
N LEU A 424 -15.01 5.46 13.80
CA LEU A 424 -14.08 4.43 14.26
C LEU A 424 -13.86 4.46 15.78
N THR A 425 -13.56 3.31 16.36
CA THR A 425 -13.23 3.22 17.77
C THR A 425 -12.20 2.14 18.02
N ASN A 426 -11.33 2.37 19.01
CA ASN A 426 -10.36 1.37 19.41
C ASN A 426 -10.77 0.67 20.73
N ALA A 427 -12.03 0.85 21.14
CA ALA A 427 -12.53 0.22 22.36
C ALA A 427 -12.48 -1.32 22.31
N GLY A 428 -12.39 -1.88 21.09
CA GLY A 428 -12.22 -3.31 20.90
C GLY A 428 -13.48 -4.14 21.08
N ALA A 429 -13.36 -5.45 20.85
CA ALA A 429 -14.50 -6.36 20.75
C ALA A 429 -15.29 -6.52 22.05
N ASN A 430 -14.64 -6.27 23.19
CA ASN A 430 -15.32 -6.41 24.47
C ASN A 430 -15.93 -5.13 25.01
N ALA A 431 -15.99 -4.08 24.19
CA ALA A 431 -16.37 -2.74 24.64
C ALA A 431 -17.76 -2.60 25.27
N GLY A 432 -18.73 -3.40 24.83
CA GLY A 432 -20.10 -3.17 25.25
C GLY A 432 -20.69 -2.09 24.36
N GLU A 433 -21.18 -0.99 24.93
CA GLU A 433 -21.94 -0.01 24.16
C GLU A 433 -21.64 1.43 24.53
N THR A 434 -21.45 2.27 23.50
CA THR A 434 -21.06 3.66 23.69
C THR A 434 -21.79 4.59 22.69
N THR A 435 -22.08 5.81 23.09
CA THR A 435 -22.72 6.76 22.19
C THR A 435 -21.90 8.01 22.00
N VAL A 436 -21.73 8.37 20.74
CA VAL A 436 -20.96 9.54 20.41
C VAL A 436 -21.82 10.45 19.53
N THR A 437 -21.76 11.76 19.79
CA THR A 437 -22.56 12.66 18.99
C THR A 437 -21.68 13.49 18.07
N VAL A 438 -21.85 13.23 16.77
CA VAL A 438 -21.04 13.86 15.75
C VAL A 438 -21.76 15.10 15.24
N GLU A 439 -21.19 16.28 15.49
CA GLU A 439 -21.79 17.54 15.08
C GLU A 439 -21.43 17.88 13.63
N ALA A 440 -22.36 18.51 12.90
CA ALA A 440 -22.06 19.14 11.60
C ALA A 440 -21.55 18.18 10.51
N THR A 441 -22.17 17.01 10.40
CA THR A 441 -21.79 16.02 9.38
C THR A 441 -22.00 16.49 7.95
N GLY A 442 -22.86 17.48 7.74
CA GLY A 442 -23.25 17.83 6.36
C GLY A 442 -24.50 17.12 5.84
N TYR A 443 -24.99 16.12 6.57
CA TYR A 443 -26.36 15.60 6.34
C TYR A 443 -27.37 16.64 6.79
N ALA A 444 -28.49 16.71 6.09
CA ALA A 444 -29.58 17.60 6.49
C ALA A 444 -30.29 16.97 7.69
N SER A 445 -30.79 17.79 8.62
CA SER A 445 -31.61 17.28 9.70
C SER A 445 -32.77 16.52 9.11
N GLY A 446 -32.97 15.29 9.58
CA GLY A 446 -34.03 14.44 9.06
C GLY A 446 -33.56 13.51 7.96
N GLU A 447 -32.37 13.76 7.41
CA GLU A 447 -31.87 12.94 6.31
C GLU A 447 -31.52 11.55 6.80
N GLN A 448 -32.11 10.55 6.17
CA GLN A 448 -31.92 9.17 6.56
C GLN A 448 -30.60 8.66 5.98
N VAL A 449 -29.76 8.10 6.84
CA VAL A 449 -28.50 7.51 6.45
C VAL A 449 -28.48 6.05 6.90
N THR A 450 -27.69 5.23 6.21
CA THR A 450 -27.53 3.81 6.51
C THR A 450 -26.07 3.57 6.85
N ASP A 451 -25.82 2.86 7.94
CA ASP A 451 -24.48 2.31 8.23
C ASP A 451 -24.38 1.08 7.34
N VAL A 452 -23.61 1.22 6.27
CA VAL A 452 -23.55 0.16 5.27
C VAL A 452 -22.87 -1.12 5.79
N LEU A 453 -22.17 -1.06 6.93
CA LEU A 453 -21.56 -2.27 7.49
C LEU A 453 -22.56 -3.16 8.24
N SER A 454 -23.55 -2.55 8.89
CA SER A 454 -24.55 -3.29 9.65
C SER A 454 -25.91 -3.33 8.94
N CYS A 455 -26.04 -2.51 7.90
CA CYS A 455 -27.33 -2.23 7.23
C CYS A 455 -28.38 -1.66 8.19
N GLU A 456 -27.91 -1.04 9.28
CA GLU A 456 -28.79 -0.35 10.20
C GLU A 456 -28.90 1.09 9.77
N SER A 457 -30.08 1.66 9.99
CA SER A 457 -30.43 2.95 9.43
C SER A 457 -30.96 3.89 10.51
N ILE A 458 -30.44 5.12 10.50
CA ILE A 458 -30.83 6.19 11.41
C ILE A 458 -31.04 7.50 10.62
N ALA A 459 -31.33 8.60 11.30
CA ALA A 459 -31.36 9.90 10.65
C ALA A 459 -30.55 10.95 11.37
N ALA A 460 -30.03 11.87 10.57
CA ALA A 460 -29.38 13.07 11.09
C ALA A 460 -30.40 13.95 11.79
N SER A 461 -29.87 14.81 12.66
CA SER A 461 -30.65 15.68 13.50
C SER A 461 -30.09 17.10 13.36
N ASP A 462 -30.43 18.01 14.28
CA ASP A 462 -30.12 19.45 14.12
C ASP A 462 -28.71 19.74 13.59
N GLY A 463 -28.62 20.52 12.52
CA GLY A 463 -27.33 21.01 12.00
C GLY A 463 -26.41 19.92 11.46
N GLY A 464 -26.98 18.76 11.15
CA GLY A 464 -26.18 17.64 10.65
C GLY A 464 -25.67 16.75 11.75
N ARG A 465 -26.17 16.98 12.97
CA ARG A 465 -25.80 16.15 14.12
C ARG A 465 -26.17 14.68 13.89
N LEU A 466 -25.22 13.81 14.20
CA LEU A 466 -25.46 12.38 14.11
C LEU A 466 -25.15 11.73 15.45
N SER A 467 -26.18 11.10 16.01
CA SER A 467 -26.05 10.36 17.25
C SER A 467 -25.68 8.92 16.90
N VAL A 468 -24.42 8.59 17.12
CA VAL A 468 -23.87 7.29 16.72
C VAL A 468 -23.61 6.36 17.93
N THR A 469 -24.36 5.27 18.02
CA THR A 469 -24.04 4.26 19.03
C THR A 469 -23.18 3.14 18.46
N LEU A 470 -22.08 2.88 19.14
CA LEU A 470 -21.11 1.87 18.74
C LEU A 470 -21.26 0.72 19.72
N ASN A 471 -21.21 -0.50 19.19
CA ASN A 471 -21.40 -1.68 19.99
C ASN A 471 -20.34 -2.71 19.61
N GLN A 472 -19.73 -3.31 20.62
CA GLN A 472 -18.71 -4.35 20.46
C GLN A 472 -17.55 -3.89 19.55
N GLY A 473 -17.20 -2.61 19.68
CA GLY A 473 -16.05 -2.01 19.00
C GLY A 473 -16.10 -1.91 17.49
N LEU A 474 -17.27 -2.11 16.90
CA LEU A 474 -17.42 -2.16 15.44
C LEU A 474 -17.43 -0.75 14.85
N PRO A 475 -16.75 -0.56 13.68
CA PRO A 475 -16.84 0.74 13.04
C PRO A 475 -18.18 0.85 12.35
N ARG A 476 -18.59 2.08 12.05
CA ARG A 476 -19.77 2.32 11.23
C ARG A 476 -19.44 3.25 10.05
N VAL A 477 -20.05 3.00 8.90
CA VAL A 477 -19.82 3.83 7.71
C VAL A 477 -21.16 4.32 7.14
N PHE A 478 -21.45 5.60 7.29
CA PHE A 478 -22.75 6.08 6.90
C PHE A 478 -22.77 6.65 5.50
N PHE A 479 -23.86 6.37 4.78
CA PHE A 479 -24.14 6.98 3.49
C PHE A 479 -25.65 7.26 3.41
N PRO A 480 -26.05 8.37 2.74
CA PRO A 480 -27.46 8.73 2.66
C PRO A 480 -28.26 7.58 2.08
N THR A 481 -29.33 7.19 2.77
CA THR A 481 -30.13 6.02 2.36
C THR A 481 -30.71 6.11 0.94
N ASP A 482 -31.22 7.29 0.56
CA ASP A 482 -31.79 7.46 -0.78
C ASP A 482 -30.73 7.26 -1.87
N ALA A 483 -29.52 7.78 -1.63
CA ALA A 483 -28.44 7.75 -2.63
C ALA A 483 -27.76 6.37 -2.73
N LEU A 484 -28.19 5.44 -1.90
CA LEU A 484 -27.56 4.13 -1.82
C LEU A 484 -27.98 3.16 -2.92
N ALA A 485 -29.03 3.51 -3.68
CA ALA A 485 -29.56 2.64 -4.74
C ALA A 485 -28.52 2.36 -5.80
N GLY A 486 -28.44 1.11 -6.23
CA GLY A 486 -27.48 0.66 -7.23
C GLY A 486 -26.12 0.29 -6.64
N SER A 487 -26.01 0.41 -5.32
CA SER A 487 -24.80 0.14 -4.58
C SER A 487 -24.43 -1.31 -4.52
N GLY A 488 -25.44 -2.16 -4.43
CA GLY A 488 -25.23 -3.53 -4.03
C GLY A 488 -25.16 -3.68 -2.51
N LEU A 489 -25.30 -2.58 -1.78
CA LEU A 489 -25.19 -2.61 -0.32
C LEU A 489 -26.56 -2.56 0.34
N CYS A 490 -26.84 -3.52 1.21
CA CYS A 490 -28.06 -3.47 2.03
C CYS A 490 -29.32 -3.59 1.15
N GLU A 491 -29.31 -4.63 0.30
CA GLU A 491 -30.35 -4.92 -0.71
C GLU A 491 -30.33 -3.91 -1.86
#